data_1F5J
#
_entry.id   1F5J
#
_cell.length_a   91.290
_cell.length_b   91.290
_cell.length_c   44.930
_cell.angle_alpha   90.00
_cell.angle_beta   90.00
_cell.angle_gamma   90.00
#
_symmetry.space_group_name_H-M   'P 43'
#
loop_
_entity.id
_entity.type
_entity.pdbx_description
1 polymer BETA-1,4-XYLANASE
2 non-polymer 'SULFATE ION'
3 water water
#
_entity_poly.entity_id   1
_entity_poly.type   'polypeptide(L)'
_entity_poly.pdbx_seq_one_letter_code
;ALTSNASGTFDGYYYELWKDTGNTTMTVYTQGRFSCQWSNINNALFRTGKKYNQNWQSLGTIRITYSATYNPNGNSYLCI
YGWSTNPLVEFYIVESWGNWRPPGATSLGQVTIDGGTYDIYRTTRVNQPSIVGTATFDQYWSVRTSKRTSGTVTVTDHFR
AWANRGLNLGTIDQITLCVEGYQSSGSANITQNTFSQSS
;
_entity_poly.pdbx_strand_id   A,B
#
# COMPACT_ATOMS: atom_id res chain seq x y z
N ALA A 1 -16.77 -15.42 -12.51
CA ALA A 1 -16.31 -15.13 -11.13
C ALA A 1 -17.02 -16.04 -10.13
N LEU A 2 -16.52 -16.05 -8.90
CA LEU A 2 -17.12 -16.85 -7.84
C LEU A 2 -18.18 -15.99 -7.15
N THR A 3 -19.34 -16.58 -6.87
CA THR A 3 -20.41 -15.85 -6.21
C THR A 3 -21.04 -16.64 -5.07
N SER A 4 -20.67 -17.91 -4.96
CA SER A 4 -21.16 -18.77 -3.89
C SER A 4 -19.93 -19.41 -3.25
N ASN A 5 -20.09 -20.01 -2.07
CA ASN A 5 -18.96 -20.64 -1.41
C ASN A 5 -18.21 -21.54 -2.38
N ALA A 6 -16.89 -21.33 -2.45
CA ALA A 6 -16.07 -22.13 -3.35
C ALA A 6 -14.59 -22.03 -2.95
N SER A 7 -13.83 -23.04 -3.32
CA SER A 7 -12.40 -23.05 -3.02
C SER A 7 -11.68 -23.87 -4.07
N GLY A 8 -10.37 -23.70 -4.14
CA GLY A 8 -9.58 -24.43 -5.10
C GLY A 8 -8.17 -23.88 -5.16
N THR A 9 -7.49 -24.14 -6.26
CA THR A 9 -6.14 -23.65 -6.43
C THR A 9 -5.97 -23.09 -7.83
N PHE A 10 -5.25 -21.98 -7.93
CA PHE A 10 -5.00 -21.35 -9.21
C PHE A 10 -3.62 -20.70 -9.21
N ASP A 11 -2.81 -21.04 -10.19
CA ASP A 11 -1.46 -20.51 -10.32
C ASP A 11 -0.63 -20.79 -9.06
N GLY A 12 -0.92 -21.91 -8.41
CA GLY A 12 -0.18 -22.30 -7.22
C GLY A 12 -0.69 -21.76 -5.90
N TYR A 13 -1.76 -20.97 -5.95
CA TYR A 13 -2.34 -20.41 -4.73
C TYR A 13 -3.68 -21.00 -4.37
N TYR A 14 -3.91 -21.22 -3.08
CA TYR A 14 -5.19 -21.73 -2.62
C TYR A 14 -6.10 -20.50 -2.59
N TYR A 15 -7.36 -20.67 -2.95
CA TYR A 15 -8.29 -19.55 -2.93
C TYR A 15 -9.62 -20.01 -2.37
N GLU A 16 -10.34 -19.09 -1.75
CA GLU A 16 -11.64 -19.43 -1.20
C GLU A 16 -12.54 -18.23 -0.98
N LEU A 17 -13.82 -18.42 -1.29
CA LEU A 17 -14.83 -17.40 -1.07
C LEU A 17 -15.74 -18.11 -0.08
N TRP A 18 -15.98 -17.47 1.06
CA TRP A 18 -16.86 -18.04 2.07
C TRP A 18 -17.80 -16.97 2.63
N LYS A 19 -19.07 -17.33 2.79
CA LYS A 19 -20.05 -16.40 3.33
C LYS A 19 -21.22 -17.20 3.87
N ASP A 20 -21.94 -16.64 4.85
CA ASP A 20 -23.10 -17.35 5.34
C ASP A 20 -24.30 -16.89 4.53
N THR A 21 -24.43 -15.58 4.35
CA THR A 21 -25.53 -15.02 3.58
C THR A 21 -25.13 -13.68 2.96
N GLY A 22 -25.71 -13.36 1.80
CA GLY A 22 -25.41 -12.10 1.15
C GLY A 22 -24.95 -12.19 -0.29
N ASN A 23 -24.70 -11.04 -0.90
CA ASN A 23 -24.23 -10.95 -2.28
C ASN A 23 -22.72 -10.77 -2.29
N THR A 24 -22.03 -11.73 -2.89
CA THR A 24 -20.58 -11.73 -2.94
C THR A 24 -20.03 -12.13 -4.31
N THR A 25 -18.92 -11.52 -4.70
CA THR A 25 -18.30 -11.86 -5.97
C THR A 25 -16.79 -11.80 -5.79
N MET A 26 -16.10 -12.77 -6.38
CA MET A 26 -14.64 -12.84 -6.28
C MET A 26 -14.03 -13.34 -7.58
N THR A 27 -12.93 -12.72 -8.00
CA THR A 27 -12.24 -13.13 -9.21
C THR A 27 -10.78 -13.35 -8.84
N VAL A 28 -10.28 -14.54 -9.14
CA VAL A 28 -8.91 -14.89 -8.84
C VAL A 28 -8.01 -14.72 -10.07
N TYR A 29 -6.86 -14.08 -9.85
CA TYR A 29 -5.90 -13.85 -10.92
C TYR A 29 -4.63 -14.61 -10.54
N THR A 30 -3.59 -14.49 -11.37
CA THR A 30 -2.34 -15.17 -11.10
C THR A 30 -1.58 -14.54 -9.94
N GLN A 31 -0.62 -15.29 -9.40
CA GLN A 31 0.22 -14.82 -8.31
C GLN A 31 -0.55 -14.45 -7.03
N GLY A 32 -1.64 -15.16 -6.77
CA GLY A 32 -2.43 -14.90 -5.57
C GLY A 32 -3.24 -13.62 -5.57
N ARG A 33 -3.28 -12.93 -6.70
CA ARG A 33 -4.04 -11.69 -6.78
C ARG A 33 -5.52 -12.03 -6.94
N PHE A 34 -6.38 -11.16 -6.44
CA PHE A 34 -7.82 -11.37 -6.53
C PHE A 34 -8.59 -10.10 -6.24
N SER A 35 -9.80 -10.03 -6.78
CA SER A 35 -10.68 -8.88 -6.56
C SER A 35 -11.92 -9.43 -5.89
N CYS A 36 -12.60 -8.59 -5.12
CA CYS A 36 -13.82 -9.01 -4.45
C CYS A 36 -14.69 -7.80 -4.13
N GLN A 37 -15.99 -8.05 -4.00
CA GLN A 37 -16.96 -7.01 -3.67
C GLN A 37 -18.08 -7.71 -2.92
N TRP A 38 -18.67 -7.03 -1.96
CA TRP A 38 -19.75 -7.63 -1.19
C TRP A 38 -20.80 -6.61 -0.78
N SER A 39 -22.01 -7.09 -0.51
CA SER A 39 -23.12 -6.24 -0.09
C SER A 39 -24.22 -7.11 0.52
N ASN A 40 -25.00 -6.51 1.42
CA ASN A 40 -26.11 -7.20 2.07
C ASN A 40 -25.69 -8.54 2.66
N ILE A 41 -24.49 -8.58 3.25
CA ILE A 41 -23.97 -9.81 3.84
C ILE A 41 -24.11 -9.79 5.34
N ASN A 42 -23.83 -10.94 5.94
CA ASN A 42 -23.79 -11.01 7.39
C ASN A 42 -22.27 -11.11 7.58
N ASN A 43 -21.70 -12.22 7.14
CA ASN A 43 -20.25 -12.43 7.25
C ASN A 43 -19.71 -13.06 5.96
N ALA A 44 -18.64 -12.48 5.41
CA ALA A 44 -18.03 -12.99 4.19
C ALA A 44 -16.51 -12.83 4.22
N LEU A 45 -15.80 -13.84 3.70
CA LEU A 45 -14.34 -13.81 3.64
C LEU A 45 -13.88 -14.19 2.24
N PHE A 46 -12.89 -13.46 1.74
CA PHE A 46 -12.30 -13.69 0.41
C PHE A 46 -10.80 -13.83 0.67
N ARG A 47 -10.17 -14.91 0.20
CA ARG A 47 -8.74 -15.07 0.47
C ARG A 47 -7.98 -15.99 -0.48
N THR A 48 -6.67 -15.76 -0.55
CA THR A 48 -5.77 -16.58 -1.36
C THR A 48 -4.49 -16.73 -0.54
N GLY A 49 -3.85 -17.89 -0.65
CA GLY A 49 -2.63 -18.11 0.10
C GLY A 49 -2.00 -19.46 -0.17
N LYS A 50 -1.42 -20.04 0.89
CA LYS A 50 -0.75 -21.33 0.78
C LYS A 50 -1.18 -22.29 1.89
N LYS A 51 -1.17 -23.58 1.60
CA LYS A 51 -1.49 -24.59 2.61
C LYS A 51 -0.14 -25.11 3.13
N TYR A 52 -0.12 -25.60 4.36
CA TYR A 52 1.13 -26.08 4.95
C TYR A 52 1.12 -27.47 5.59
N ASN A 53 0.21 -27.70 6.52
CA ASN A 53 0.15 -28.99 7.22
C ASN A 53 1.50 -29.28 7.88
N GLN A 54 1.98 -28.34 8.67
CA GLN A 54 3.27 -28.48 9.33
C GLN A 54 3.27 -27.72 10.66
N ASN A 55 3.97 -28.24 11.65
CA ASN A 55 4.04 -27.57 12.95
C ASN A 55 4.66 -26.18 12.72
N TRP A 56 4.09 -25.17 13.37
CA TRP A 56 4.58 -23.81 13.19
C TRP A 56 6.03 -23.60 13.62
N GLN A 57 6.49 -24.40 14.57
CA GLN A 57 7.85 -24.27 15.08
C GLN A 57 8.95 -24.63 14.09
N SER A 58 8.60 -25.33 13.01
CA SER A 58 9.58 -25.75 12.02
C SER A 58 9.47 -25.03 10.67
N LEU A 59 8.57 -24.06 10.59
CA LEU A 59 8.36 -23.32 9.35
C LEU A 59 9.49 -22.35 9.03
N GLY A 60 10.33 -22.06 10.02
CA GLY A 60 11.41 -21.13 9.81
C GLY A 60 10.85 -19.73 9.76
N THR A 61 11.24 -18.95 8.75
CA THR A 61 10.74 -17.58 8.61
C THR A 61 9.82 -17.46 7.40
N ILE A 62 8.59 -17.03 7.63
CA ILE A 62 7.63 -16.86 6.54
C ILE A 62 7.24 -15.39 6.44
N ARG A 63 7.51 -14.79 5.29
CA ARG A 63 7.17 -13.40 5.09
C ARG A 63 6.22 -13.25 3.91
N ILE A 64 5.21 -12.42 4.08
CA ILE A 64 4.25 -12.17 3.03
C ILE A 64 4.31 -10.70 2.65
N THR A 65 4.68 -10.43 1.41
CA THR A 65 4.75 -9.06 0.92
C THR A 65 3.49 -8.87 0.09
N TYR A 66 2.63 -7.98 0.53
CA TYR A 66 1.36 -7.77 -0.14
C TYR A 66 1.10 -6.31 -0.49
N SER A 67 0.10 -6.11 -1.35
CA SER A 67 -0.30 -4.77 -1.77
C SER A 67 -1.79 -4.88 -2.07
N ALA A 68 -2.58 -3.92 -1.62
CA ALA A 68 -4.01 -3.98 -1.88
C ALA A 68 -4.72 -2.65 -1.99
N THR A 69 -5.73 -2.64 -2.85
CA THR A 69 -6.61 -1.50 -3.04
C THR A 69 -7.74 -2.00 -2.16
N TYR A 70 -7.91 -1.35 -1.01
CA TYR A 70 -8.90 -1.76 -0.02
C TYR A 70 -9.93 -0.67 0.22
N ASN A 71 -11.18 -0.92 -0.19
CA ASN A 71 -12.22 0.07 -0.04
C ASN A 71 -13.51 -0.41 0.62
N PRO A 72 -13.46 -0.69 1.93
CA PRO A 72 -14.63 -1.14 2.68
C PRO A 72 -15.54 0.06 2.94
N ASN A 73 -16.84 -0.19 3.03
CA ASN A 73 -17.79 0.89 3.29
C ASN A 73 -18.38 0.73 4.68
N GLY A 74 -17.84 -0.24 5.41
CA GLY A 74 -18.29 -0.52 6.77
C GLY A 74 -17.38 -1.51 7.46
N ASN A 75 -17.90 -2.23 8.44
CA ASN A 75 -17.11 -3.22 9.18
C ASN A 75 -16.42 -4.18 8.22
N SER A 76 -15.09 -4.23 8.29
CA SER A 76 -14.31 -5.10 7.42
C SER A 76 -12.86 -5.16 7.87
N TYR A 77 -12.14 -6.19 7.44
CA TYR A 77 -10.72 -6.32 7.77
C TYR A 77 -9.92 -6.68 6.53
N LEU A 78 -8.66 -6.25 6.50
CA LEU A 78 -7.71 -6.62 5.44
C LEU A 78 -6.69 -7.29 6.36
N CYS A 79 -6.44 -8.57 6.15
CA CYS A 79 -5.58 -9.28 7.08
C CYS A 79 -4.90 -10.52 6.56
N ILE A 80 -3.96 -11.03 7.36
CA ILE A 80 -3.31 -12.29 7.07
C ILE A 80 -4.26 -13.16 7.90
N TYR A 81 -4.68 -14.28 7.34
CA TYR A 81 -5.64 -15.13 8.02
C TYR A 81 -5.32 -16.59 7.77
N GLY A 82 -5.52 -17.40 8.81
CA GLY A 82 -5.22 -18.82 8.66
C GLY A 82 -5.78 -19.68 9.77
N TRP A 83 -5.43 -20.96 9.72
CA TRP A 83 -5.89 -21.91 10.71
C TRP A 83 -4.79 -22.83 11.21
N SER A 84 -4.99 -23.29 12.43
CA SER A 84 -4.10 -24.23 13.09
C SER A 84 -5.02 -25.37 13.56
N THR A 85 -4.46 -26.56 13.70
CA THR A 85 -5.23 -27.69 14.21
C THR A 85 -4.39 -28.26 15.34
N ASN A 86 -5.04 -28.90 16.32
CA ASN A 86 -4.36 -29.49 17.47
C ASN A 86 -3.37 -28.49 18.09
N PRO A 87 -3.88 -27.40 18.67
CA PRO A 87 -5.30 -27.05 18.78
C PRO A 87 -5.90 -26.37 17.56
N LEU A 88 -7.22 -26.44 17.46
CA LEU A 88 -7.95 -25.79 16.37
C LEU A 88 -8.03 -24.31 16.72
N VAL A 89 -7.40 -23.48 15.89
CA VAL A 89 -7.38 -22.04 16.12
C VAL A 89 -7.47 -21.27 14.82
N GLU A 90 -8.29 -20.22 14.81
CA GLU A 90 -8.45 -19.36 13.65
C GLU A 90 -7.66 -18.12 14.05
N PHE A 91 -6.70 -17.70 13.22
CA PHE A 91 -5.88 -16.54 13.58
C PHE A 91 -5.86 -15.42 12.56
N TYR A 92 -5.64 -14.21 13.07
CA TYR A 92 -5.59 -12.98 12.29
C TYR A 92 -4.41 -12.09 12.58
N ILE A 93 -3.95 -11.40 11.53
CA ILE A 93 -2.91 -10.39 11.63
C ILE A 93 -3.57 -9.28 10.80
N VAL A 94 -4.27 -8.38 11.49
CA VAL A 94 -5.02 -7.30 10.86
C VAL A 94 -4.17 -6.09 10.49
N GLU A 95 -4.10 -5.80 9.19
CA GLU A 95 -3.33 -4.69 8.66
C GLU A 95 -4.16 -3.43 8.54
N SER A 96 -5.40 -3.59 8.09
CA SER A 96 -6.30 -2.46 7.95
C SER A 96 -7.72 -2.93 8.25
N TRP A 97 -8.64 -1.98 8.40
CA TRP A 97 -10.02 -2.31 8.69
C TRP A 97 -10.94 -1.19 8.25
N GLY A 98 -12.25 -1.39 8.48
CA GLY A 98 -13.23 -0.40 8.10
C GLY A 98 -13.46 0.63 9.18
N ASN A 99 -14.69 0.71 9.69
CA ASN A 99 -15.03 1.68 10.72
C ASN A 99 -14.71 1.24 12.13
N TRP A 100 -14.45 -0.05 12.31
CA TRP A 100 -14.19 -0.58 13.65
C TRP A 100 -12.90 -1.40 13.76
N ARG A 101 -12.01 -0.98 14.66
CA ARG A 101 -10.77 -1.71 14.86
C ARG A 101 -11.08 -2.95 15.71
N PRO A 102 -10.85 -4.16 15.16
CA PRO A 102 -11.12 -5.41 15.88
C PRO A 102 -10.16 -5.66 17.05
N PRO A 103 -10.46 -6.67 17.89
CA PRO A 103 -11.62 -7.56 17.81
C PRO A 103 -12.61 -7.42 18.97
N GLY A 104 -12.52 -6.34 19.73
CA GLY A 104 -13.43 -6.15 20.85
C GLY A 104 -13.15 -7.10 22.00
N ALA A 105 -11.90 -7.12 22.44
CA ALA A 105 -11.49 -7.98 23.55
C ALA A 105 -10.36 -7.33 24.31
N THR A 106 -9.99 -7.90 25.44
CA THR A 106 -8.90 -7.37 26.26
C THR A 106 -7.55 -7.57 25.59
N SER A 107 -6.78 -6.49 25.48
CA SER A 107 -5.46 -6.60 24.86
C SER A 107 -4.52 -7.36 25.79
N LEU A 108 -3.68 -8.20 25.21
CA LEU A 108 -2.72 -8.98 25.97
C LEU A 108 -1.33 -8.37 25.85
N GLY A 109 -1.26 -7.17 25.29
CA GLY A 109 0.01 -6.49 25.14
C GLY A 109 0.29 -6.01 23.72
N GLN A 110 1.32 -5.19 23.57
CA GLN A 110 1.70 -4.67 22.26
C GLN A 110 3.11 -5.12 21.90
N VAL A 111 3.34 -5.28 20.60
CA VAL A 111 4.65 -5.67 20.10
C VAL A 111 4.92 -4.90 18.83
N THR A 112 6.20 -4.79 18.48
CA THR A 112 6.58 -4.09 17.25
C THR A 112 7.11 -5.15 16.27
N ILE A 113 6.40 -5.30 15.15
CA ILE A 113 6.80 -6.27 14.14
C ILE A 113 6.67 -5.60 12.77
N ASP A 114 7.68 -5.81 11.92
CA ASP A 114 7.69 -5.21 10.59
C ASP A 114 7.45 -3.71 10.65
N GLY A 115 8.08 -3.06 11.62
CA GLY A 115 7.94 -1.62 11.77
C GLY A 115 6.62 -1.11 12.30
N GLY A 116 5.67 -2.03 12.53
CA GLY A 116 4.38 -1.60 13.04
C GLY A 116 4.07 -2.07 14.45
N THR A 117 3.20 -1.34 15.12
CA THR A 117 2.79 -1.66 16.49
C THR A 117 1.50 -2.45 16.40
N TYR A 118 1.47 -3.59 17.09
CA TYR A 118 0.28 -4.45 17.10
C TYR A 118 -0.14 -4.80 18.52
N ASP A 119 -1.46 -4.84 18.74
CA ASP A 119 -2.01 -5.25 20.03
C ASP A 119 -2.34 -6.72 19.82
N ILE A 120 -2.11 -7.55 20.84
CA ILE A 120 -2.39 -8.97 20.75
C ILE A 120 -3.67 -9.32 21.50
N TYR A 121 -4.53 -10.13 20.89
CA TYR A 121 -5.78 -10.53 21.52
C TYR A 121 -6.13 -11.99 21.35
N ARG A 122 -6.94 -12.47 22.29
CA ARG A 122 -7.44 -13.83 22.24
C ARG A 122 -8.95 -13.71 22.36
N THR A 123 -9.68 -14.43 21.52
CA THR A 123 -11.13 -14.42 21.57
C THR A 123 -11.56 -15.88 21.49
N THR A 124 -12.86 -16.13 21.68
CA THR A 124 -13.37 -17.48 21.63
C THR A 124 -14.64 -17.50 20.78
N ARG A 125 -14.83 -18.57 20.01
CA ARG A 125 -16.00 -18.74 19.15
C ARG A 125 -16.69 -20.04 19.55
N VAL A 126 -17.98 -19.97 19.83
CA VAL A 126 -18.73 -21.16 20.24
C VAL A 126 -19.67 -21.67 19.15
N ASN A 127 -19.48 -22.93 18.77
CA ASN A 127 -20.27 -23.58 17.75
C ASN A 127 -20.42 -22.75 16.48
N GLN A 128 -19.26 -22.40 15.91
CA GLN A 128 -19.20 -21.59 14.70
C GLN A 128 -18.60 -22.38 13.54
N PRO A 129 -18.75 -21.85 12.31
CA PRO A 129 -18.19 -22.55 11.14
C PRO A 129 -16.67 -22.62 11.23
N SER A 130 -16.08 -23.67 10.67
CA SER A 130 -14.63 -23.82 10.71
C SER A 130 -14.18 -24.78 9.62
N ILE A 131 -12.86 -24.95 9.51
CA ILE A 131 -12.31 -25.84 8.49
C ILE A 131 -12.71 -27.30 8.72
N VAL A 132 -13.20 -27.61 9.93
CA VAL A 132 -13.61 -28.98 10.22
C VAL A 132 -15.06 -29.09 10.65
N GLY A 133 -15.88 -28.12 10.24
CA GLY A 133 -17.28 -28.13 10.58
C GLY A 133 -17.59 -27.35 11.85
N THR A 134 -18.87 -27.29 12.20
CA THR A 134 -19.29 -26.56 13.40
C THR A 134 -18.37 -26.94 14.56
N ALA A 135 -17.79 -25.95 15.21
CA ALA A 135 -16.89 -26.23 16.32
C ALA A 135 -16.71 -25.03 17.24
N THR A 136 -16.07 -25.28 18.38
CA THR A 136 -15.79 -24.23 19.35
C THR A 136 -14.27 -24.14 19.38
N PHE A 137 -13.76 -22.92 19.22
CA PHE A 137 -12.32 -22.73 19.17
C PHE A 137 -11.96 -21.29 19.50
N ASP A 138 -10.67 -21.06 19.77
CA ASP A 138 -10.20 -19.71 20.05
C ASP A 138 -9.68 -19.07 18.78
N GLN A 139 -9.52 -17.76 18.84
CA GLN A 139 -8.97 -16.99 17.74
C GLN A 139 -7.81 -16.19 18.33
N TYR A 140 -6.71 -16.09 17.60
CA TYR A 140 -5.58 -15.30 18.07
C TYR A 140 -5.47 -14.11 17.13
N TRP A 141 -5.21 -12.93 17.69
CA TRP A 141 -5.11 -11.72 16.89
C TRP A 141 -3.91 -10.84 17.17
N SER A 142 -3.47 -10.18 16.12
CA SER A 142 -2.43 -9.15 16.17
C SER A 142 -3.17 -8.08 15.36
N VAL A 143 -3.40 -6.92 15.95
CA VAL A 143 -4.11 -5.86 15.24
C VAL A 143 -3.24 -4.60 15.24
N ARG A 144 -2.88 -4.13 14.05
CA ARG A 144 -2.04 -2.93 13.93
C ARG A 144 -2.74 -1.74 14.57
N THR A 145 -1.96 -0.84 15.15
CA THR A 145 -2.50 0.35 15.82
C THR A 145 -2.98 1.40 14.81
N SER A 146 -2.46 1.33 13.59
CA SER A 146 -2.85 2.24 12.51
C SER A 146 -2.94 1.42 11.23
N LYS A 147 -3.74 1.88 10.28
CA LYS A 147 -3.95 1.16 9.02
C LYS A 147 -2.82 1.15 8.00
N ARG A 148 -2.64 -0.01 7.37
CA ARG A 148 -1.64 -0.20 6.33
C ARG A 148 -2.27 -1.11 5.26
N THR A 149 -1.97 -0.86 3.98
CA THR A 149 -2.55 -1.68 2.92
C THR A 149 -1.50 -2.21 1.96
N SER A 150 -0.24 -2.11 2.37
CA SER A 150 0.87 -2.61 1.57
C SER A 150 2.11 -2.70 2.45
N GLY A 151 2.89 -3.75 2.24
CA GLY A 151 4.10 -3.92 3.04
C GLY A 151 4.41 -5.39 3.20
N THR A 152 5.20 -5.72 4.21
CA THR A 152 5.59 -7.09 4.47
C THR A 152 5.20 -7.53 5.87
N VAL A 153 4.64 -8.73 5.98
CA VAL A 153 4.25 -9.27 7.27
C VAL A 153 5.05 -10.54 7.53
N THR A 154 5.86 -10.51 8.58
CA THR A 154 6.65 -11.67 8.96
C THR A 154 5.73 -12.48 9.86
N VAL A 155 4.89 -13.30 9.22
CA VAL A 155 3.89 -14.10 9.92
C VAL A 155 4.42 -14.89 11.11
N THR A 156 5.59 -15.51 10.94
CA THR A 156 6.17 -16.31 12.01
C THR A 156 6.60 -15.47 13.22
N ASP A 157 6.78 -14.17 13.03
CA ASP A 157 7.14 -13.32 14.16
C ASP A 157 5.90 -13.16 15.04
N HIS A 158 4.73 -13.08 14.41
CA HIS A 158 3.49 -12.97 15.16
C HIS A 158 3.23 -14.27 15.91
N PHE A 159 3.47 -15.40 15.24
CA PHE A 159 3.28 -16.71 15.87
C PHE A 159 4.09 -16.75 17.17
N ARG A 160 5.34 -16.30 17.09
CA ARG A 160 6.21 -16.29 18.26
C ARG A 160 5.68 -15.34 19.33
N ALA A 161 5.30 -14.13 18.93
CA ALA A 161 4.77 -13.14 19.86
C ALA A 161 3.55 -13.69 20.59
N TRP A 162 2.71 -14.43 19.87
CA TRP A 162 1.52 -15.01 20.47
C TRP A 162 1.94 -16.10 21.44
N ALA A 163 2.85 -16.97 20.99
CA ALA A 163 3.33 -18.07 21.82
C ALA A 163 3.87 -17.56 23.15
N ASN A 164 4.66 -16.49 23.09
CA ASN A 164 5.28 -15.91 24.28
C ASN A 164 4.26 -15.36 25.27
N ARG A 165 3.01 -15.26 24.85
CA ARG A 165 1.97 -14.75 25.72
C ARG A 165 0.92 -15.81 26.01
N GLY A 166 1.30 -17.07 25.85
CA GLY A 166 0.40 -18.17 26.13
C GLY A 166 -0.58 -18.62 25.06
N LEU A 167 -0.51 -18.01 23.88
CA LEU A 167 -1.42 -18.37 22.80
C LEU A 167 -0.67 -19.37 21.92
N ASN A 168 -0.90 -20.65 22.18
CA ASN A 168 -0.21 -21.71 21.46
C ASN A 168 -0.88 -22.23 20.20
N LEU A 169 -0.07 -22.45 19.17
CA LEU A 169 -0.54 -22.97 17.90
C LEU A 169 -0.03 -24.40 17.74
N GLY A 170 -0.59 -25.11 16.78
CA GLY A 170 -0.18 -26.49 16.55
C GLY A 170 0.26 -26.65 15.10
N THR A 171 -0.48 -27.45 14.35
CA THR A 171 -0.17 -27.67 12.97
C THR A 171 -0.85 -26.59 12.14
N ILE A 172 -0.05 -25.84 11.39
CA ILE A 172 -0.60 -24.79 10.55
C ILE A 172 -1.24 -25.40 9.32
N ASP A 173 -2.52 -25.14 9.13
CA ASP A 173 -3.25 -25.66 7.99
C ASP A 173 -3.04 -24.78 6.76
N GLN A 174 -3.20 -23.48 6.94
CA GLN A 174 -3.07 -22.51 5.86
C GLN A 174 -2.73 -21.12 6.37
N ILE A 175 -2.16 -20.29 5.50
CA ILE A 175 -1.83 -18.90 5.80
C ILE A 175 -2.27 -18.16 4.53
N THR A 176 -3.10 -17.14 4.69
CA THR A 176 -3.60 -16.41 3.53
C THR A 176 -3.72 -14.91 3.72
N LEU A 177 -3.93 -14.21 2.61
CA LEU A 177 -4.14 -12.76 2.61
C LEU A 177 -5.65 -12.74 2.43
N CYS A 178 -6.35 -12.09 3.37
CA CYS A 178 -7.81 -12.10 3.36
C CYS A 178 -8.53 -10.78 3.56
N VAL A 179 -9.69 -10.66 2.92
CA VAL A 179 -10.55 -9.49 3.05
C VAL A 179 -11.83 -10.03 3.65
N GLU A 180 -12.19 -9.53 4.83
CA GLU A 180 -13.40 -9.96 5.52
C GLU A 180 -14.37 -8.81 5.67
N GLY A 181 -15.67 -9.12 5.64
CA GLY A 181 -16.68 -8.10 5.79
C GLY A 181 -17.73 -8.57 6.76
N TYR A 182 -18.36 -7.64 7.47
CA TYR A 182 -19.40 -8.01 8.42
C TYR A 182 -20.52 -7.00 8.35
N GLN A 183 -21.70 -7.46 7.90
CA GLN A 183 -22.87 -6.59 7.79
C GLN A 183 -22.51 -5.24 7.19
N SER A 184 -21.89 -5.28 6.02
CA SER A 184 -21.47 -4.08 5.33
C SER A 184 -21.33 -4.39 3.85
N SER A 185 -20.80 -3.43 3.10
CA SER A 185 -20.56 -3.61 1.68
C SER A 185 -19.17 -3.06 1.44
N GLY A 186 -18.59 -3.37 0.29
CA GLY A 186 -17.26 -2.87 0.00
C GLY A 186 -16.64 -3.55 -1.19
N SER A 187 -15.42 -3.15 -1.52
CA SER A 187 -14.69 -3.72 -2.64
C SER A 187 -13.20 -3.70 -2.30
N ALA A 188 -12.45 -4.59 -2.93
CA ALA A 188 -11.02 -4.65 -2.71
C ALA A 188 -10.36 -5.35 -3.88
N ASN A 189 -9.10 -5.02 -4.12
CA ASN A 189 -8.35 -5.61 -5.22
C ASN A 189 -6.94 -5.88 -4.70
N ILE A 190 -6.63 -7.14 -4.43
CA ILE A 190 -5.31 -7.52 -3.95
C ILE A 190 -4.43 -7.64 -5.19
N THR A 191 -3.41 -6.79 -5.26
CA THR A 191 -2.52 -6.74 -6.41
C THR A 191 -1.16 -7.41 -6.23
N GLN A 192 -0.90 -7.88 -5.02
CA GLN A 192 0.34 -8.56 -4.72
C GLN A 192 0.17 -9.38 -3.45
N ASN A 193 0.66 -10.62 -3.49
CA ASN A 193 0.56 -11.53 -2.35
C ASN A 193 1.67 -12.55 -2.51
N THR A 194 2.90 -12.09 -2.28
CA THR A 194 4.09 -12.93 -2.42
C THR A 194 4.54 -13.57 -1.11
N PHE A 195 4.78 -14.87 -1.16
CA PHE A 195 5.24 -15.64 -0.01
C PHE A 195 6.73 -15.94 -0.13
N SER A 196 7.43 -15.85 1.00
CA SER A 196 8.86 -16.16 1.06
C SER A 196 9.06 -16.97 2.32
N GLN A 197 9.65 -18.16 2.19
CA GLN A 197 9.90 -19.02 3.34
C GLN A 197 11.33 -19.53 3.37
N SER A 198 12.06 -19.15 4.42
CA SER A 198 13.44 -19.58 4.59
C SER A 198 13.63 -20.00 6.04
N SER A 199 14.73 -20.68 6.35
CA SER A 199 14.97 -21.10 7.72
C SER A 199 16.18 -20.40 8.32
N ALA B 1 4.93 -1.49 -23.87
CA ALA B 1 5.13 -0.17 -23.22
C ALA B 1 3.89 0.70 -23.33
N LEU B 2 3.78 1.69 -22.44
CA LEU B 2 2.65 2.61 -22.46
C LEU B 2 3.08 3.79 -23.33
N THR B 3 2.17 4.29 -24.17
CA THR B 3 2.49 5.43 -25.03
C THR B 3 1.37 6.47 -25.00
N SER B 4 0.30 6.14 -24.30
CA SER B 4 -0.85 7.03 -24.15
C SER B 4 -1.26 7.01 -22.68
N ASN B 5 -2.05 8.00 -22.25
CA ASN B 5 -2.49 8.05 -20.86
C ASN B 5 -2.97 6.67 -20.40
N ALA B 6 -2.39 6.20 -19.30
CA ALA B 6 -2.77 4.90 -18.76
C ALA B 6 -2.31 4.78 -17.32
N SER B 7 -2.98 3.92 -16.56
CA SER B 7 -2.64 3.68 -15.17
C SER B 7 -3.06 2.28 -14.77
N GLY B 8 -2.58 1.84 -13.62
CA GLY B 8 -2.91 0.51 -13.14
C GLY B 8 -1.91 0.10 -12.08
N THR B 9 -1.85 -1.19 -11.79
CA THR B 9 -0.92 -1.69 -10.80
C THR B 9 -0.16 -2.88 -11.37
N PHE B 10 1.15 -2.91 -11.10
CA PHE B 10 2.01 -3.99 -11.56
C PHE B 10 2.97 -4.32 -10.43
N ASP B 11 3.03 -5.61 -10.06
CA ASP B 11 3.89 -6.06 -9.00
C ASP B 11 3.59 -5.28 -7.72
N GLY B 12 2.32 -4.94 -7.53
CA GLY B 12 1.91 -4.21 -6.34
C GLY B 12 2.08 -2.70 -6.34
N TYR B 13 2.70 -2.17 -7.39
CA TYR B 13 2.90 -0.72 -7.48
C TYR B 13 1.92 -0.05 -8.43
N TYR B 14 1.38 1.08 -8.01
CA TYR B 14 0.48 1.83 -8.88
C TYR B 14 1.39 2.48 -9.90
N TYR B 15 0.96 2.58 -11.14
CA TYR B 15 1.77 3.21 -12.16
C TYR B 15 0.87 4.08 -13.02
N GLU B 16 1.46 5.08 -13.66
CA GLU B 16 0.69 5.97 -14.53
C GLU B 16 1.56 6.80 -15.47
N LEU B 17 1.06 6.95 -16.68
CA LEU B 17 1.70 7.77 -17.69
C LEU B 17 0.63 8.80 -18.02
N TRP B 18 0.96 10.06 -17.87
CA TRP B 18 0.02 11.13 -18.18
C TRP B 18 0.71 12.21 -19.00
N LYS B 19 0.00 12.75 -19.98
CA LYS B 19 0.52 13.80 -20.84
C LYS B 19 -0.65 14.52 -21.47
N ASP B 20 -0.48 15.80 -21.78
CA ASP B 20 -1.54 16.53 -22.43
C ASP B 20 -1.38 16.37 -23.94
N THR B 21 -0.13 16.42 -24.40
CA THR B 21 0.19 16.26 -25.81
C THR B 21 1.68 15.97 -25.97
N GLY B 22 2.03 15.21 -27.01
CA GLY B 22 3.42 14.90 -27.25
C GLY B 22 3.67 13.41 -27.40
N ASN B 23 4.95 13.06 -27.59
CA ASN B 23 5.36 11.68 -27.77
C ASN B 23 5.95 11.16 -26.47
N THR B 24 5.33 10.12 -25.93
CA THR B 24 5.76 9.55 -24.66
C THR B 24 5.75 8.02 -24.64
N THR B 25 6.65 7.44 -23.85
CA THR B 25 6.72 5.99 -23.71
C THR B 25 7.21 5.65 -22.32
N MET B 26 6.64 4.60 -21.74
CA MET B 26 7.00 4.16 -20.40
C MET B 26 6.88 2.64 -20.32
N THR B 27 7.86 2.01 -19.67
CA THR B 27 7.83 0.55 -19.49
C THR B 27 7.98 0.30 -18.00
N VAL B 28 7.04 -0.45 -17.44
CA VAL B 28 7.08 -0.75 -16.02
C VAL B 28 7.68 -2.12 -15.74
N TYR B 29 8.56 -2.17 -14.75
CA TYR B 29 9.20 -3.41 -14.37
C TYR B 29 8.76 -3.74 -12.94
N THR B 30 9.29 -4.83 -12.39
CA THR B 30 8.94 -5.22 -11.03
C THR B 30 9.57 -4.27 -10.02
N GLN B 31 9.09 -4.33 -8.79
CA GLN B 31 9.61 -3.50 -7.71
C GLN B 31 9.52 -2.00 -7.94
N GLY B 32 8.48 -1.56 -8.65
CA GLY B 32 8.30 -0.14 -8.91
C GLY B 32 9.29 0.49 -9.87
N ARG B 33 10.09 -0.32 -10.53
CA ARG B 33 11.06 0.20 -11.48
C ARG B 33 10.40 0.53 -12.81
N PHE B 34 10.96 1.49 -13.53
CA PHE B 34 10.42 1.88 -14.82
C PHE B 34 11.37 2.75 -15.59
N SER B 35 11.19 2.76 -16.91
CA SER B 35 12.01 3.60 -17.78
C SER B 35 11.01 4.46 -18.54
N CYS B 36 11.45 5.61 -19.00
CA CYS B 36 10.57 6.49 -19.75
C CYS B 36 11.37 7.44 -20.60
N GLN B 37 10.75 7.88 -21.70
CA GLN B 37 11.38 8.81 -22.61
C GLN B 37 10.26 9.68 -23.13
N TRP B 38 10.58 10.93 -23.44
CA TRP B 38 9.57 11.85 -23.94
C TRP B 38 10.16 12.83 -24.92
N SER B 39 9.32 13.36 -25.81
CA SER B 39 9.74 14.34 -26.79
C SER B 39 8.55 15.07 -27.39
N ASN B 40 8.77 16.30 -27.81
CA ASN B 40 7.73 17.12 -28.43
C ASN B 40 6.47 17.20 -27.57
N ILE B 41 6.66 17.30 -26.26
CA ILE B 41 5.55 17.37 -25.32
C ILE B 41 5.32 18.79 -24.81
N ASN B 42 4.21 18.95 -24.09
CA ASN B 42 3.96 20.23 -23.43
C ASN B 42 4.27 19.85 -21.99
N ASN B 43 3.50 18.89 -21.46
CA ASN B 43 3.70 18.42 -20.09
C ASN B 43 3.45 16.91 -20.02
N ALA B 44 4.37 16.18 -19.42
CA ALA B 44 4.24 14.74 -19.27
C ALA B 44 4.81 14.28 -17.94
N LEU B 45 4.14 13.30 -17.32
CA LEU B 45 4.59 12.73 -16.05
C LEU B 45 4.56 11.21 -16.11
N PHE B 46 5.62 10.59 -15.60
CA PHE B 46 5.75 9.13 -15.55
C PHE B 46 5.99 8.80 -14.09
N ARG B 47 5.23 7.87 -13.52
CA ARG B 47 5.41 7.56 -12.11
C ARG B 47 4.90 6.20 -11.64
N THR B 48 5.49 5.72 -10.55
CA THR B 48 5.09 4.47 -9.93
C THR B 48 5.16 4.69 -8.43
N GLY B 49 4.28 4.03 -7.69
CA GLY B 49 4.29 4.21 -6.25
C GLY B 49 3.18 3.46 -5.56
N LYS B 50 2.65 4.04 -4.50
CA LYS B 50 1.59 3.42 -3.73
C LYS B 50 0.42 4.35 -3.49
N LYS B 51 -0.75 3.76 -3.32
CA LYS B 51 -1.96 4.53 -3.04
C LYS B 51 -2.33 4.31 -1.59
N TYR B 52 -2.99 5.29 -0.99
CA TYR B 52 -3.39 5.20 0.41
C TYR B 52 -4.79 5.82 0.33
C TYR B 52 -4.85 5.37 0.82
N ASN B 53 -5.25 6.37 1.43
N ASN B 53 -5.23 6.61 1.09
CA ASN B 53 -6.58 6.99 1.50
C ASN B 53 -6.78 7.16 2.99
N GLN B 54 -5.91 7.94 3.60
CA GLN B 54 -5.99 8.24 5.02
C GLN B 54 -5.16 9.48 5.28
N ASN B 55 -5.51 10.21 6.35
CA ASN B 55 -4.79 11.42 6.71
C ASN B 55 -3.32 11.05 6.84
N TRP B 56 -2.44 11.89 6.32
CA TRP B 56 -1.01 11.60 6.37
C TRP B 56 -0.47 11.40 7.79
N GLN B 57 -1.06 12.08 8.77
CA GLN B 57 -0.60 11.97 10.15
C GLN B 57 -0.76 10.56 10.73
N SER B 58 -1.59 9.73 10.12
CA SER B 58 -1.79 8.37 10.61
C SER B 58 -0.94 7.35 9.85
N LEU B 59 -0.19 7.83 8.87
CA LEU B 59 0.67 6.97 8.06
C LEU B 59 1.96 6.57 8.79
N GLY B 60 2.30 7.32 9.83
CA GLY B 60 3.53 7.02 10.55
C GLY B 60 4.68 7.58 9.74
N THR B 61 5.79 6.86 9.68
CA THR B 61 6.95 7.32 8.92
C THR B 61 7.10 6.54 7.63
N ILE B 62 7.07 7.27 6.51
CA ILE B 62 7.23 6.65 5.20
C ILE B 62 8.52 7.13 4.56
N ARG B 63 9.36 6.18 4.15
CA ARG B 63 10.62 6.51 3.52
C ARG B 63 10.73 5.81 2.18
N ILE B 64 11.21 6.53 1.17
CA ILE B 64 11.39 5.97 -0.16
C ILE B 64 12.86 5.98 -0.52
N THR B 65 13.41 4.79 -0.77
CA THR B 65 14.80 4.65 -1.16
C THR B 65 14.77 4.40 -2.65
N TYR B 66 15.35 5.32 -3.42
CA TYR B 66 15.32 5.22 -4.87
C TYR B 66 16.70 5.36 -5.51
N SER B 67 16.74 5.04 -6.80
CA SER B 67 17.94 5.13 -7.61
C SER B 67 17.45 5.31 -9.03
N ALA B 68 18.15 6.14 -9.80
CA ALA B 68 17.76 6.36 -11.17
C ALA B 68 18.84 7.01 -12.03
N THR B 69 18.78 6.72 -13.32
CA THR B 69 19.69 7.32 -14.28
C THR B 69 18.75 8.35 -14.90
N TYR B 70 19.04 9.61 -14.64
CA TYR B 70 18.21 10.73 -15.08
C TYR B 70 18.88 11.56 -16.17
N ASN B 71 18.34 11.53 -17.39
CA ASN B 71 18.92 12.26 -18.50
C ASN B 71 17.96 13.18 -19.26
N PRO B 72 17.51 14.27 -18.62
CA PRO B 72 16.60 15.21 -19.27
C PRO B 72 17.40 16.09 -20.22
N ASN B 73 16.76 16.55 -21.30
CA ASN B 73 17.44 17.41 -22.27
C ASN B 73 16.90 18.83 -22.18
N GLY B 74 16.02 19.06 -21.21
CA GLY B 74 15.43 20.37 -21.00
C GLY B 74 14.71 20.42 -19.67
N ASN B 75 13.67 21.24 -19.59
CA ASN B 75 12.88 21.40 -18.36
C ASN B 75 12.29 20.07 -17.92
N SER B 76 12.68 19.62 -16.73
CA SER B 76 12.22 18.33 -16.19
C SER B 76 12.45 18.23 -14.69
N TYR B 77 11.76 17.30 -14.03
CA TYR B 77 11.94 17.07 -12.60
C TYR B 77 12.05 15.58 -12.32
N LEU B 78 12.83 15.25 -11.29
CA LEU B 78 12.97 13.87 -10.81
C LEU B 78 12.46 14.10 -9.40
N CYS B 79 11.34 13.50 -9.03
CA CYS B 79 10.77 13.82 -7.74
C CYS B 79 9.86 12.80 -7.08
N ILE B 80 9.57 13.04 -5.81
CA ILE B 80 8.59 12.24 -5.10
C ILE B 80 7.39 13.09 -5.44
N TYR B 81 6.29 12.46 -5.80
CA TYR B 81 5.11 13.19 -6.23
C TYR B 81 3.83 12.51 -5.75
N GLY B 82 2.85 13.32 -5.38
CA GLY B 82 1.60 12.74 -4.91
C GLY B 82 0.45 13.72 -4.86
N TRP B 83 -0.65 13.26 -4.28
CA TRP B 83 -1.86 14.05 -4.14
C TRP B 83 -2.56 13.78 -2.82
N SER B 84 -3.31 14.77 -2.36
CA SER B 84 -4.12 14.66 -1.16
C SER B 84 -5.46 15.23 -1.58
N THR B 85 -6.52 14.87 -0.88
CA THR B 85 -7.85 15.40 -1.18
C THR B 85 -8.39 15.98 0.11
N ASN B 86 -9.29 16.96 -0.02
CA ASN B 86 -9.91 17.58 1.15
C ASN B 86 -8.86 17.95 2.19
N PRO B 87 -8.01 18.94 1.89
CA PRO B 87 -7.98 19.69 0.63
C PRO B 87 -7.25 19.00 -0.51
N LEU B 88 -7.59 19.39 -1.73
CA LEU B 88 -6.97 18.84 -2.93
C LEU B 88 -5.60 19.52 -3.07
N VAL B 89 -4.54 18.73 -3.00
CA VAL B 89 -3.18 19.27 -3.13
C VAL B 89 -2.31 18.34 -3.94
N GLU B 90 -1.53 18.93 -4.85
CA GLU B 90 -0.58 18.19 -5.68
C GLU B 90 0.76 18.54 -5.04
N PHE B 91 1.52 17.55 -4.59
CA PHE B 91 2.78 17.86 -3.94
C PHE B 91 4.03 17.25 -4.54
N TYR B 92 5.15 17.93 -4.32
CA TYR B 92 6.45 17.55 -4.85
C TYR B 92 7.59 17.62 -3.85
N ILE B 93 8.54 16.71 -4.01
CA ILE B 93 9.79 16.69 -3.25
C ILE B 93 10.76 16.49 -4.41
N VAL B 94 11.28 17.60 -4.92
CA VAL B 94 12.19 17.58 -6.07
C VAL B 94 13.63 17.27 -5.71
N GLU B 95 14.12 16.13 -6.22
CA GLU B 95 15.48 15.66 -5.97
C GLU B 95 16.45 16.14 -7.04
N SER B 96 16.01 16.13 -8.30
CA SER B 96 16.83 16.61 -9.39
C SER B 96 15.93 17.28 -10.42
N TRP B 97 16.54 17.95 -11.39
CA TRP B 97 15.80 18.66 -12.42
C TRP B 97 16.67 18.89 -13.64
N GLY B 98 16.09 19.49 -14.68
CA GLY B 98 16.82 19.75 -15.90
C GLY B 98 17.55 21.09 -15.91
N ASN B 99 17.10 21.98 -16.78
CA ASN B 99 17.72 23.29 -16.91
C ASN B 99 17.15 24.36 -15.98
N TRP B 100 16.07 24.03 -15.29
CA TRP B 100 15.44 25.01 -14.40
C TRP B 100 15.02 24.44 -13.06
N ARG B 101 15.52 25.04 -11.98
CA ARG B 101 15.17 24.59 -10.65
C ARG B 101 13.79 25.20 -10.36
N PRO B 102 12.78 24.36 -10.10
CA PRO B 102 11.43 24.84 -9.81
C PRO B 102 11.30 25.48 -8.42
N PRO B 103 10.13 26.07 -8.11
CA PRO B 103 8.94 26.17 -8.96
C PRO B 103 8.58 27.61 -9.39
N GLY B 104 9.51 28.54 -9.23
CA GLY B 104 9.24 29.91 -9.62
C GLY B 104 8.24 30.59 -8.70
N ALA B 105 8.51 30.54 -7.40
CA ALA B 105 7.63 31.14 -6.42
C ALA B 105 8.42 31.57 -5.20
N THR B 106 7.79 32.35 -4.33
CA THR B 106 8.46 32.83 -3.12
C THR B 106 8.74 31.67 -2.19
N SER B 107 9.96 31.62 -1.66
CA SER B 107 10.35 30.55 -0.75
C SER B 107 9.79 30.79 0.64
N LEU B 108 9.31 29.73 1.28
CA LEU B 108 8.74 29.82 2.61
C LEU B 108 9.73 29.37 3.68
N GLY B 109 10.97 29.12 3.27
CA GLY B 109 11.97 28.69 4.23
C GLY B 109 12.78 27.52 3.75
N GLN B 110 13.83 27.20 4.51
CA GLN B 110 14.71 26.10 4.16
C GLN B 110 14.81 25.10 5.31
N VAL B 111 14.87 23.82 4.96
CA VAL B 111 14.98 22.77 5.97
C VAL B 111 16.00 21.72 5.53
N THR B 112 16.52 20.99 6.51
CA THR B 112 17.47 19.93 6.24
C THR B 112 16.80 18.60 6.52
N ILE B 113 16.64 17.79 5.48
CA ILE B 113 16.01 16.49 5.60
C ILE B 113 16.81 15.46 4.80
N ASP B 114 17.03 14.29 5.39
CA ASP B 114 17.79 13.24 4.73
C ASP B 114 19.14 13.75 4.25
N GLY B 115 19.80 14.53 5.11
CA GLY B 115 21.10 15.06 4.77
C GLY B 115 21.11 16.08 3.64
N GLY B 116 19.92 16.47 3.20
CA GLY B 116 19.82 17.44 2.12
C GLY B 116 19.12 18.71 2.53
N THR B 117 19.44 19.79 1.84
CA THR B 117 18.82 21.09 2.12
C THR B 117 17.71 21.30 1.10
N TYR B 118 16.53 21.69 1.57
CA TYR B 118 15.40 21.93 0.68
C TYR B 118 14.71 23.25 0.96
N ASP B 119 14.27 23.90 -0.10
CA ASP B 119 13.52 25.14 0.03
C ASP B 119 12.07 24.72 -0.11
N ILE B 120 11.18 25.33 0.68
CA ILE B 120 9.76 25.00 0.65
C ILE B 120 8.96 26.09 -0.04
N TYR B 121 8.03 25.68 -0.91
CA TYR B 121 7.20 26.65 -1.64
C TYR B 121 5.74 26.22 -1.75
N ARG B 122 4.89 27.22 -1.97
CA ARG B 122 3.47 26.98 -2.18
C ARG B 122 3.16 27.67 -3.51
N THR B 123 2.48 26.96 -4.41
CA THR B 123 2.07 27.53 -5.67
C THR B 123 0.60 27.16 -5.83
N THR B 124 -0.02 27.67 -6.88
CA THR B 124 -1.43 27.40 -7.13
C THR B 124 -1.65 27.11 -8.61
N ARG B 125 -2.56 26.19 -8.89
CA ARG B 125 -2.89 25.80 -10.26
C ARG B 125 -4.39 26.00 -10.47
N VAL B 126 -4.76 26.64 -11.58
CA VAL B 126 -6.18 26.90 -11.84
C VAL B 126 -6.77 26.09 -12.99
N ASN B 127 -7.87 25.40 -12.70
CA ASN B 127 -8.57 24.55 -13.65
C ASN B 127 -7.63 23.71 -14.49
N GLN B 128 -6.88 22.86 -13.79
CA GLN B 128 -5.91 21.97 -14.41
C GLN B 128 -6.31 20.53 -14.14
N PRO B 129 -5.74 19.57 -14.89
CA PRO B 129 -6.06 18.16 -14.68
C PRO B 129 -5.71 17.76 -13.26
N SER B 130 -6.49 16.87 -12.66
CA SER B 130 -6.22 16.44 -11.29
C SER B 130 -6.84 15.07 -11.08
N ILE B 131 -6.56 14.48 -9.93
CA ILE B 131 -7.11 13.15 -9.63
C ILE B 131 -8.63 13.16 -9.46
N VAL B 132 -9.23 14.34 -9.35
CA VAL B 132 -10.68 14.43 -9.21
C VAL B 132 -11.32 15.16 -10.39
N GLY B 133 -10.56 15.34 -11.45
CA GLY B 133 -11.07 16.03 -12.63
C GLY B 133 -10.51 17.44 -12.73
N THR B 134 -10.98 18.22 -13.71
CA THR B 134 -10.51 19.58 -13.87
C THR B 134 -10.78 20.31 -12.56
N ALA B 135 -9.75 20.90 -11.98
CA ALA B 135 -9.91 21.59 -10.70
C ALA B 135 -8.83 22.62 -10.42
N THR B 136 -9.07 23.40 -9.37
CA THR B 136 -8.13 24.43 -8.93
C THR B 136 -7.61 23.95 -7.59
N PHE B 137 -6.29 23.97 -7.44
CA PHE B 137 -5.68 23.48 -6.21
C PHE B 137 -4.29 24.04 -6.01
N ASP B 138 -3.80 23.97 -4.78
CA ASP B 138 -2.46 24.45 -4.47
C ASP B 138 -1.48 23.30 -4.67
N GLN B 139 -0.21 23.65 -4.76
CA GLN B 139 0.86 22.67 -4.87
C GLN B 139 1.83 22.98 -3.75
N TYR B 140 2.32 21.94 -3.06
CA TYR B 140 3.29 22.15 -2.00
C TYR B 140 4.59 21.56 -2.51
N TRP B 141 5.68 22.28 -2.31
CA TRP B 141 6.98 21.82 -2.79
C TRP B 141 8.12 21.87 -1.77
N SER B 142 9.04 20.94 -1.95
CA SER B 142 10.30 20.87 -1.21
C SER B 142 11.22 20.69 -2.41
N VAL B 143 12.16 21.60 -2.62
CA VAL B 143 13.08 21.49 -3.75
C VAL B 143 14.51 21.48 -3.23
N ARG B 144 15.26 20.43 -3.53
CA ARG B 144 16.64 20.32 -3.05
C ARG B 144 17.47 21.46 -3.63
N THR B 145 18.44 21.94 -2.86
CA THR B 145 19.29 23.03 -3.29
C THR B 145 20.30 22.57 -4.35
N SER B 146 20.52 21.26 -4.41
CA SER B 146 21.43 20.67 -5.39
C SER B 146 20.85 19.31 -5.80
N LYS B 147 21.13 18.90 -7.03
CA LYS B 147 20.61 17.66 -7.57
C LYS B 147 21.13 16.35 -6.97
N ARG B 148 20.22 15.40 -6.84
CA ARG B 148 20.49 14.05 -6.32
C ARG B 148 19.69 13.10 -7.21
N THR B 149 20.21 11.92 -7.50
CA THR B 149 19.48 10.96 -8.32
C THR B 149 19.36 9.60 -7.65
N SER B 150 19.73 9.54 -6.38
CA SER B 150 19.64 8.29 -5.63
C SER B 150 19.74 8.60 -4.14
N GLY B 151 19.02 7.84 -3.33
CA GLY B 151 19.06 8.06 -1.90
C GLY B 151 17.74 7.74 -1.22
N THR B 152 17.55 8.24 -0.01
CA THR B 152 16.31 7.99 0.72
C THR B 152 15.61 9.31 1.00
N VAL B 153 14.29 9.31 0.84
CA VAL B 153 13.49 10.49 1.10
C VAL B 153 12.46 10.14 2.17
N THR B 154 12.55 10.81 3.32
CA THR B 154 11.61 10.56 4.39
C THR B 154 10.45 11.51 4.10
N VAL B 155 9.56 11.06 3.23
CA VAL B 155 8.39 11.83 2.78
C VAL B 155 7.60 12.51 3.88
N THR B 156 7.32 11.77 4.94
CA THR B 156 6.54 12.32 6.04
C THR B 156 7.25 13.46 6.78
N ASP B 157 8.58 13.51 6.68
CA ASP B 157 9.32 14.60 7.32
C ASP B 157 9.02 15.89 6.55
N HIS B 158 8.83 15.76 5.25
CA HIS B 158 8.52 16.90 4.41
C HIS B 158 7.09 17.34 4.70
N PHE B 159 6.19 16.38 4.92
CA PHE B 159 4.81 16.72 5.23
C PHE B 159 4.78 17.56 6.50
N ARG B 160 5.60 17.16 7.47
CA ARG B 160 5.66 17.88 8.73
C ARG B 160 6.25 19.27 8.54
N ALA B 161 7.30 19.37 7.71
CA ALA B 161 7.95 20.64 7.44
C ALA B 161 6.96 21.60 6.80
N TRP B 162 6.13 21.08 5.90
CA TRP B 162 5.13 21.89 5.22
C TRP B 162 4.07 22.37 6.22
N ALA B 163 3.62 21.46 7.07
CA ALA B 163 2.60 21.79 8.07
C ALA B 163 3.10 22.91 8.97
N ASN B 164 4.36 22.81 9.39
CA ASN B 164 4.96 23.83 10.24
C ASN B 164 4.90 25.20 9.59
N ARG B 165 4.88 25.23 8.26
CA ARG B 165 4.83 26.49 7.54
C ARG B 165 3.44 26.87 7.04
N GLY B 166 2.42 26.27 7.65
CA GLY B 166 1.04 26.57 7.29
C GLY B 166 0.45 25.89 6.08
N LEU B 167 1.14 24.89 5.55
CA LEU B 167 0.64 24.18 4.39
C LEU B 167 -0.06 22.91 4.86
N ASN B 168 -1.38 22.99 4.96
CA ASN B 168 -2.20 21.87 5.43
C ASN B 168 -2.41 20.82 4.36
N LEU B 169 -2.09 19.57 4.70
CA LEU B 169 -2.22 18.47 3.76
C LEU B 169 -3.39 17.59 4.17
N GLY B 170 -4.19 17.16 3.20
CA GLY B 170 -5.36 16.34 3.50
C GLY B 170 -5.15 14.84 3.45
N THR B 171 -6.19 14.14 3.01
CA THR B 171 -6.17 12.69 2.89
C THR B 171 -5.26 12.31 1.74
N ILE B 172 -4.20 11.57 2.04
CA ILE B 172 -3.25 11.16 1.01
C ILE B 172 -3.84 10.13 0.07
N ASP B 173 -3.78 10.41 -1.23
CA ASP B 173 -4.30 9.50 -2.25
C ASP B 173 -3.18 8.61 -2.78
N GLN B 174 -2.02 9.22 -3.01
CA GLN B 174 -0.88 8.47 -3.56
C GLN B 174 0.45 9.15 -3.28
N ILE B 175 1.50 8.35 -3.25
CA ILE B 175 2.86 8.85 -3.05
C ILE B 175 3.67 8.09 -4.09
N THR B 176 4.35 8.80 -4.98
CA THR B 176 5.10 8.14 -6.05
C THR B 176 6.49 8.71 -6.33
N LEU B 177 7.27 7.96 -7.13
CA LEU B 177 8.58 8.41 -7.56
C LEU B 177 8.22 8.81 -8.99
N CYS B 178 8.48 10.07 -9.34
CA CYS B 178 8.06 10.57 -10.63
C CYS B 178 9.06 11.34 -11.46
N VAL B 179 8.90 11.23 -12.79
CA VAL B 179 9.72 11.95 -13.74
C VAL B 179 8.77 12.83 -14.54
N GLU B 180 8.99 14.14 -14.49
CA GLU B 180 8.13 15.08 -15.21
C GLU B 180 8.93 15.81 -16.27
N GLY B 181 8.27 16.10 -17.40
CA GLY B 181 8.92 16.82 -18.47
C GLY B 181 8.03 17.97 -18.87
N TYR B 182 8.62 19.07 -19.30
CA TYR B 182 7.85 20.24 -19.73
C TYR B 182 8.49 20.87 -20.96
N GLN B 183 7.79 20.80 -22.09
CA GLN B 183 8.29 21.36 -23.34
C GLN B 183 9.76 21.02 -23.57
N SER B 184 10.06 19.73 -23.53
CA SER B 184 11.42 19.26 -23.72
C SER B 184 11.41 17.79 -24.13
N SER B 185 12.59 17.17 -24.12
CA SER B 185 12.70 15.76 -24.44
C SER B 185 13.65 15.19 -23.40
N GLY B 186 13.74 13.87 -23.33
CA GLY B 186 14.64 13.27 -22.36
C GLY B 186 14.35 11.81 -22.09
N SER B 187 15.12 11.24 -21.17
CA SER B 187 14.94 9.84 -20.81
C SER B 187 15.35 9.64 -19.36
N ALA B 188 14.79 8.60 -18.75
CA ALA B 188 15.13 8.30 -17.36
C ALA B 188 14.86 6.83 -17.11
N ASN B 189 15.65 6.26 -16.21
CA ASN B 189 15.49 4.85 -15.87
C ASN B 189 15.55 4.72 -14.36
N ILE B 190 14.39 4.51 -13.74
CA ILE B 190 14.30 4.34 -12.29
C ILE B 190 14.61 2.88 -12.01
N THR B 191 15.72 2.63 -11.32
CA THR B 191 16.16 1.28 -11.02
C THR B 191 15.90 0.79 -9.60
N GLN B 192 15.28 1.63 -8.78
CA GLN B 192 14.95 1.27 -7.42
C GLN B 192 13.93 2.25 -6.88
N ASN B 193 12.87 1.72 -6.27
CA ASN B 193 11.81 2.55 -5.71
C ASN B 193 11.18 1.75 -4.56
N THR B 194 11.95 1.64 -3.47
CA THR B 194 11.52 0.90 -2.30
C THR B 194 10.85 1.77 -1.25
N PHE B 195 9.69 1.31 -0.78
CA PHE B 195 8.92 2.01 0.24
C PHE B 195 9.08 1.31 1.59
N SER B 196 9.25 2.11 2.63
CA SER B 196 9.40 1.61 4.00
C SER B 196 8.45 2.40 4.88
N GLN B 197 7.59 1.70 5.60
CA GLN B 197 6.63 2.37 6.46
C GLN B 197 6.73 1.82 7.89
N SER B 198 6.62 2.71 8.86
CA SER B 198 6.70 2.32 10.26
C SER B 198 5.89 3.27 11.12
N SER B 199 5.21 2.74 12.12
CA SER B 199 4.40 3.57 13.00
C SER B 199 5.26 4.17 14.10
#